data_9JZF
#
_entry.id   9JZF
#
_cell.length_a   57.048
_cell.length_b   90.718
_cell.length_c   125.568
_cell.angle_alpha   90.00
_cell.angle_beta   90.00
_cell.angle_gamma   90.00
#
_symmetry.space_group_name_H-M   'P 21 21 21'
#
loop_
_entity.id
_entity.type
_entity.pdbx_description
1 polymer 'Probable solanesyl-diphosphate synthase 3, chloroplastic'
2 non-polymer '3-METHYLBUT-3-ENYL TRIHYDROGEN DIPHOSPHATE'
3 non-polymer 'ZOLEDRONIC ACID'
4 non-polymer 'MAGNESIUM ION'
5 water water
#
_entity_poly.entity_id   1
_entity_poly.type   'polypeptide(L)'
_entity_poly.pdbx_seq_one_letter_code
;SVSSLLEVVADDLLKLNNNLKSLVGAENPVLVSAAEQIFGAGGKRLRPALVFLVSRATAELAGLLELTTEHQRLAEIIEM
IHTASLIHDDVIDDSGMRRGKETIHQLYGTRVAVLAGDFMFAQSSWFLANLENIEVIKLISQVIKDFASGEIKQASTLFD
CDITLDDYLLKSYYKTASLIAASTRSAAIFSGVSTAICEQMYEYGRNLGLSFQVVDDILDFTQSAEQLGKPAGSDLAKGN
LTAPVIFALQDEPQLREIIDSEFSETNSLATAIELVHRSGGIKRAHELAREKGEIAIQSLQCLPRSEFRSTLENMVKYNL
ERID
;
_entity_poly.pdbx_strand_id   A,B
#
loop_
_chem_comp.id
_chem_comp.type
_chem_comp.name
_chem_comp.formula
IPE non-polymer '3-METHYLBUT-3-ENYL TRIHYDROGEN DIPHOSPHATE' 'C5 H12 O7 P2'
MG non-polymer 'MAGNESIUM ION' 'Mg 2'
ZOL non-polymer 'ZOLEDRONIC ACID' 'C5 H10 N2 O7 P2'
#
# COMPACT_ATOMS: atom_id res chain seq x y z
N SER A 1 -25.59 8.71 19.81
CA SER A 1 -25.75 7.98 18.55
C SER A 1 -24.88 8.58 17.46
N VAL A 2 -24.02 7.75 16.86
CA VAL A 2 -23.23 8.19 15.72
C VAL A 2 -24.13 8.58 14.56
N SER A 3 -25.30 7.94 14.46
CA SER A 3 -26.26 8.29 13.41
C SER A 3 -26.70 9.74 13.55
N SER A 4 -27.17 10.13 14.74
CA SER A 4 -27.61 11.52 14.95
C SER A 4 -26.44 12.49 14.92
N LEU A 5 -25.26 12.05 15.35
CA LEU A 5 -24.09 12.94 15.36
C LEU A 5 -23.72 13.39 13.95
N LEU A 6 -23.80 12.49 12.98
CA LEU A 6 -23.45 12.77 11.59
C LEU A 6 -24.66 13.11 10.74
N GLU A 7 -25.67 13.77 11.34
CA GLU A 7 -26.93 13.98 10.63
C GLU A 7 -26.80 15.02 9.53
N VAL A 8 -26.06 16.11 9.78
CA VAL A 8 -26.03 17.21 8.83
C VAL A 8 -25.36 16.82 7.53
N VAL A 9 -24.47 15.82 7.55
CA VAL A 9 -23.84 15.35 6.33
C VAL A 9 -24.18 13.88 6.11
N ALA A 10 -25.41 13.51 6.47
CA ALA A 10 -25.85 12.13 6.27
C ALA A 10 -25.96 11.80 4.78
N ASP A 11 -26.54 12.72 3.99
CA ASP A 11 -26.72 12.47 2.57
C ASP A 11 -25.39 12.27 1.85
N ASP A 12 -24.37 13.03 2.25
CA ASP A 12 -23.06 12.87 1.63
C ASP A 12 -22.48 11.49 1.90
N LEU A 13 -22.72 10.95 3.09
CA LEU A 13 -22.20 9.62 3.42
C LEU A 13 -22.91 8.54 2.63
N LEU A 14 -24.20 8.71 2.38
CA LEU A 14 -24.96 7.69 1.64
C LEU A 14 -24.47 7.58 0.21
N LYS A 15 -24.08 8.70 -0.41
CA LYS A 15 -23.48 8.64 -1.73
C LYS A 15 -22.15 7.90 -1.69
N LEU A 16 -21.33 8.17 -0.66
CA LEU A 16 -20.06 7.48 -0.53
C LEU A 16 -20.25 6.00 -0.25
N ASN A 17 -21.23 5.65 0.59
CA ASN A 17 -21.43 4.25 0.96
C ASN A 17 -21.87 3.41 -0.24
N ASN A 18 -22.78 3.95 -1.06
CA ASN A 18 -23.20 3.25 -2.26
C ASN A 18 -22.12 3.21 -3.33
N ASN A 19 -21.00 3.91 -3.12
CA ASN A 19 -19.97 4.04 -4.14
C ASN A 19 -18.70 3.24 -3.85
N LEU A 20 -18.44 2.88 -2.59
CA LEU A 20 -17.26 2.10 -2.27
C LEU A 20 -17.29 0.72 -2.91
N LYS A 21 -18.47 0.23 -3.29
CA LYS A 21 -18.58 -1.09 -3.92
C LYS A 21 -17.80 -1.14 -5.22
N SER A 22 -17.97 -0.12 -6.07
CA SER A 22 -17.26 -0.04 -7.34
C SER A 22 -15.89 0.62 -7.23
N LEU A 23 -15.46 1.00 -6.03
CA LEU A 23 -14.20 1.72 -5.87
C LEU A 23 -12.97 0.85 -6.08
N VAL A 24 -13.13 -0.43 -6.43
CA VAL A 24 -12.01 -1.36 -6.57
C VAL A 24 -12.18 -2.08 -7.91
N GLY A 25 -13.43 -2.24 -8.32
CA GLY A 25 -13.76 -2.76 -9.63
C GLY A 25 -14.58 -4.02 -9.55
N ALA A 26 -14.55 -4.76 -10.66
CA ALA A 26 -15.28 -6.02 -10.77
C ALA A 26 -14.52 -7.11 -11.51
N GLU A 27 -13.30 -6.84 -11.99
CA GLU A 27 -12.53 -7.85 -12.71
C GLU A 27 -12.11 -9.01 -11.82
N ASN A 28 -12.01 -8.79 -10.52
CA ASN A 28 -11.44 -9.77 -9.59
C ASN A 28 -12.47 -10.12 -8.51
N PRO A 29 -13.14 -11.27 -8.61
CA PRO A 29 -14.16 -11.59 -7.60
C PRO A 29 -13.59 -11.84 -6.21
N VAL A 30 -12.35 -12.32 -6.11
CA VAL A 30 -11.72 -12.47 -4.80
C VAL A 30 -11.50 -11.11 -4.16
N LEU A 31 -10.88 -10.19 -4.90
CA LEU A 31 -10.68 -8.84 -4.39
C LEU A 31 -12.01 -8.13 -4.16
N VAL A 32 -12.99 -8.38 -5.03
CA VAL A 32 -14.32 -7.80 -4.86
C VAL A 32 -14.94 -8.30 -3.56
N SER A 33 -14.93 -9.62 -3.35
CA SER A 33 -15.54 -10.19 -2.16
C SER A 33 -14.75 -9.82 -0.91
N ALA A 34 -13.43 -9.76 -1.01
CA ALA A 34 -12.62 -9.32 0.12
C ALA A 34 -12.96 -7.88 0.50
N ALA A 35 -13.28 -7.05 -0.48
CA ALA A 35 -13.67 -5.67 -0.21
C ALA A 35 -15.10 -5.61 0.34
N GLU A 36 -16.02 -6.41 -0.23
CA GLU A 36 -17.38 -6.45 0.29
C GLU A 36 -17.41 -6.94 1.73
N GLN A 37 -16.45 -7.79 2.11
CA GLN A 37 -16.40 -8.27 3.49
C GLN A 37 -16.15 -7.12 4.47
N ILE A 38 -15.10 -6.34 4.24
CA ILE A 38 -14.72 -5.30 5.20
C ILE A 38 -15.57 -4.05 5.02
N PHE A 39 -15.92 -3.71 3.79
CA PHE A 39 -16.79 -2.55 3.58
C PHE A 39 -18.20 -2.83 4.08
N GLY A 40 -18.75 -3.99 3.75
CA GLY A 40 -20.08 -4.35 4.19
C GLY A 40 -20.18 -4.73 5.65
N ALA A 41 -19.05 -4.93 6.34
CA ALA A 41 -19.08 -5.32 7.74
C ALA A 41 -19.72 -4.24 8.61
N GLY A 42 -19.60 -2.97 8.21
CA GLY A 42 -20.30 -1.91 8.90
C GLY A 42 -19.43 -0.94 9.68
N GLY A 43 -18.50 -0.28 8.99
CA GLY A 43 -17.68 0.72 9.64
C GLY A 43 -18.48 1.95 10.03
N LYS A 44 -17.83 2.82 10.81
CA LYS A 44 -18.47 4.04 11.29
C LYS A 44 -18.33 5.20 10.32
N ARG A 45 -17.43 5.11 9.34
CA ARG A 45 -17.25 6.14 8.31
C ARG A 45 -16.99 7.51 8.94
N LEU A 46 -16.21 7.53 10.02
CA LEU A 46 -15.95 8.77 10.73
C LEU A 46 -14.99 9.67 9.94
N ARG A 47 -14.00 9.08 9.29
CA ARG A 47 -13.02 9.84 8.52
C ARG A 47 -13.66 10.51 7.29
N PRO A 48 -14.52 9.82 6.53
CA PRO A 48 -15.24 10.55 5.46
C PRO A 48 -16.13 11.65 5.99
N ALA A 49 -16.71 11.46 7.18
CA ALA A 49 -17.62 12.47 7.73
C ALA A 49 -16.88 13.77 8.04
N LEU A 50 -15.74 13.67 8.72
CA LEU A 50 -14.96 14.86 9.04
C LEU A 50 -14.52 15.58 7.76
N VAL A 51 -14.14 14.80 6.74
CA VAL A 51 -13.82 15.40 5.44
C VAL A 51 -15.04 16.14 4.89
N PHE A 52 -16.21 15.51 4.97
CA PHE A 52 -17.44 16.17 4.53
C PHE A 52 -17.72 17.42 5.35
N LEU A 53 -17.56 17.34 6.68
CA LEU A 53 -17.87 18.48 7.54
C LEU A 53 -16.91 19.63 7.30
N VAL A 54 -15.61 19.34 7.21
CA VAL A 54 -14.63 20.39 6.99
C VAL A 54 -14.76 20.97 5.59
N SER A 55 -15.05 20.12 4.60
CA SER A 55 -15.21 20.59 3.23
C SER A 55 -16.35 21.59 3.12
N ARG A 56 -17.41 21.41 3.91
CA ARG A 56 -18.58 22.28 3.80
C ARG A 56 -18.38 23.60 4.53
N ALA A 57 -17.83 23.54 5.75
CA ALA A 57 -17.59 24.77 6.50
C ALA A 57 -16.63 25.69 5.75
N THR A 58 -15.54 25.13 5.23
CA THR A 58 -14.57 25.93 4.49
C THR A 58 -15.07 26.31 3.10
N ALA A 59 -16.10 25.62 2.59
CA ALA A 59 -16.68 26.02 1.31
C ALA A 59 -17.61 27.22 1.47
N GLU A 60 -18.36 27.27 2.58
CA GLU A 60 -19.16 28.44 2.89
C GLU A 60 -18.27 29.67 3.10
N LEU A 61 -17.13 29.47 3.77
CA LEU A 61 -16.22 30.58 4.01
C LEU A 61 -15.58 31.08 2.73
N ALA A 62 -15.49 30.22 1.71
CA ALA A 62 -14.86 30.57 0.44
C ALA A 62 -15.87 31.01 -0.62
N GLY A 63 -17.17 30.93 -0.33
CA GLY A 63 -18.19 31.38 -1.24
C GLY A 63 -18.72 30.33 -2.19
N LEU A 64 -18.25 29.09 -2.11
CA LEU A 64 -18.74 28.03 -2.98
C LEU A 64 -20.18 27.68 -2.64
N LEU A 65 -20.97 27.41 -3.69
CA LEU A 65 -22.37 27.06 -3.48
C LEU A 65 -22.54 25.59 -3.11
N GLU A 66 -21.76 24.71 -3.74
CA GLU A 66 -21.85 23.27 -3.50
C GLU A 66 -20.45 22.72 -3.32
N LEU A 67 -20.37 21.40 -3.14
CA LEU A 67 -19.10 20.72 -2.98
C LEU A 67 -18.47 20.43 -4.33
N THR A 68 -17.14 20.55 -4.38
CA THR A 68 -16.41 20.13 -5.58
C THR A 68 -16.44 18.62 -5.70
N THR A 69 -16.15 18.13 -6.91
CA THR A 69 -16.07 16.68 -7.10
C THR A 69 -14.86 16.10 -6.37
N GLU A 70 -13.80 16.90 -6.19
CA GLU A 70 -12.63 16.44 -5.47
C GLU A 70 -12.87 16.36 -3.96
N HIS A 71 -13.81 17.14 -3.42
CA HIS A 71 -14.24 16.93 -2.04
C HIS A 71 -14.84 15.55 -1.87
N GLN A 72 -15.79 15.19 -2.74
CA GLN A 72 -16.48 13.92 -2.62
C GLN A 72 -15.58 12.75 -2.94
N ARG A 73 -14.58 12.94 -3.80
CA ARG A 73 -13.61 11.88 -4.05
C ARG A 73 -12.64 11.74 -2.89
N LEU A 74 -12.16 12.86 -2.34
CA LEU A 74 -11.24 12.82 -1.21
C LEU A 74 -11.80 12.01 -0.06
N ALA A 75 -13.09 12.20 0.24
CA ALA A 75 -13.72 11.42 1.31
C ALA A 75 -13.66 9.93 1.01
N GLU A 76 -13.86 9.55 -0.24
CA GLU A 76 -13.72 8.15 -0.63
C GLU A 76 -12.27 7.69 -0.54
N ILE A 77 -11.32 8.61 -0.73
CA ILE A 77 -9.91 8.26 -0.73
C ILE A 77 -9.42 7.98 0.68
N ILE A 78 -9.77 8.86 1.63
CA ILE A 78 -9.31 8.70 3.01
C ILE A 78 -9.87 7.43 3.62
N GLU A 79 -11.15 7.14 3.34
CA GLU A 79 -11.76 5.92 3.86
C GLU A 79 -11.08 4.67 3.31
N MET A 80 -10.68 4.70 2.04
CA MET A 80 -10.03 3.55 1.45
C MET A 80 -8.61 3.37 1.99
N ILE A 81 -7.95 4.46 2.38
CA ILE A 81 -6.65 4.34 3.02
C ILE A 81 -6.82 3.84 4.45
N HIS A 82 -7.86 4.32 5.14
CA HIS A 82 -8.17 3.80 6.46
C HIS A 82 -8.49 2.32 6.40
N THR A 83 -9.26 1.90 5.39
CA THR A 83 -9.58 0.48 5.23
C THR A 83 -8.33 -0.34 4.92
N ALA A 84 -7.44 0.20 4.07
CA ALA A 84 -6.20 -0.51 3.76
C ALA A 84 -5.32 -0.65 4.98
N SER A 85 -5.34 0.34 5.89
CA SER A 85 -4.57 0.25 7.12
C SER A 85 -5.12 -0.86 8.01
N LEU A 86 -6.45 -0.91 8.18
CA LEU A 86 -7.06 -1.92 9.04
C LEU A 86 -6.73 -3.33 8.55
N ILE A 87 -6.76 -3.54 7.23
CA ILE A 87 -6.46 -4.85 6.69
C ILE A 87 -5.04 -5.27 7.05
N HIS A 88 -4.08 -4.36 6.87
CA HIS A 88 -2.70 -4.69 7.17
C HIS A 88 -2.44 -4.73 8.68
N ASP A 89 -3.25 -4.01 9.47
CA ASP A 89 -3.08 -4.05 10.91
C ASP A 89 -3.51 -5.40 11.49
N ASP A 90 -4.58 -5.99 10.93
CA ASP A 90 -5.08 -7.25 11.46
C ASP A 90 -4.10 -8.39 11.21
N VAL A 91 -3.49 -8.41 10.03
CA VAL A 91 -2.44 -9.38 9.75
C VAL A 91 -1.29 -9.22 10.74
N ILE A 92 -0.99 -7.96 11.10
CA ILE A 92 0.09 -7.70 12.04
C ILE A 92 -0.30 -8.15 13.44
N ASP A 93 -1.49 -7.77 13.90
CA ASP A 93 -1.93 -8.09 15.24
C ASP A 93 -2.58 -9.46 15.36
N ASP A 94 -2.56 -10.25 14.28
CA ASP A 94 -3.15 -11.60 14.27
C ASP A 94 -4.56 -11.58 14.82
N SER A 95 -5.39 -10.71 14.25
CA SER A 95 -6.75 -10.50 14.69
C SER A 95 -7.73 -11.17 13.73
N GLY A 96 -8.63 -11.97 14.28
CA GLY A 96 -9.60 -12.70 13.49
C GLY A 96 -11.01 -12.16 13.48
N MET A 97 -11.21 -10.93 13.95
CA MET A 97 -12.54 -10.34 13.99
C MET A 97 -12.43 -8.84 13.77
N ARG A 98 -13.05 -8.34 12.70
CA ARG A 98 -13.08 -6.92 12.40
C ARG A 98 -14.52 -6.53 12.07
N ARG A 99 -15.06 -5.59 12.86
CA ARG A 99 -16.42 -5.07 12.67
C ARG A 99 -17.45 -6.19 12.76
N GLY A 100 -17.32 -7.02 13.80
CA GLY A 100 -18.27 -8.10 14.01
C GLY A 100 -18.21 -9.22 13.00
N LYS A 101 -17.26 -9.19 12.08
CA LYS A 101 -17.12 -10.22 11.06
C LYS A 101 -15.67 -10.68 11.00
N GLU A 102 -15.46 -11.84 10.38
CA GLU A 102 -14.12 -12.41 10.31
C GLU A 102 -13.24 -11.59 9.38
N THR A 103 -11.97 -11.44 9.76
CA THR A 103 -11.04 -10.63 9.01
C THR A 103 -10.69 -11.29 7.67
N ILE A 104 -10.10 -10.50 6.78
CA ILE A 104 -9.82 -10.96 5.42
C ILE A 104 -8.76 -12.06 5.42
N HIS A 105 -7.69 -11.86 6.19
CA HIS A 105 -6.56 -12.79 6.13
C HIS A 105 -6.94 -14.19 6.60
N GLN A 106 -7.95 -14.30 7.46
CA GLN A 106 -8.42 -15.60 7.91
C GLN A 106 -9.46 -16.21 6.97
N LEU A 107 -9.84 -15.49 5.91
CA LEU A 107 -10.71 -16.01 4.87
C LEU A 107 -9.94 -16.39 3.61
N TYR A 108 -8.90 -15.63 3.27
CA TYR A 108 -8.20 -15.81 2.00
C TYR A 108 -6.68 -15.89 2.18
N GLY A 109 -6.21 -16.20 3.39
CA GLY A 109 -4.79 -16.26 3.63
C GLY A 109 -4.19 -14.89 3.81
N THR A 110 -3.05 -14.81 4.51
CA THR A 110 -2.43 -13.52 4.78
C THR A 110 -1.95 -12.85 3.49
N ARG A 111 -1.55 -13.63 2.49
CA ARG A 111 -0.99 -13.07 1.27
C ARG A 111 -2.01 -12.22 0.52
N VAL A 112 -3.20 -12.77 0.30
CA VAL A 112 -4.25 -12.04 -0.41
C VAL A 112 -4.63 -10.78 0.36
N ALA A 113 -4.72 -10.88 1.69
CA ALA A 113 -5.02 -9.70 2.50
C ALA A 113 -3.95 -8.63 2.34
N VAL A 114 -2.69 -9.04 2.32
CA VAL A 114 -1.59 -8.08 2.10
C VAL A 114 -1.72 -7.44 0.73
N LEU A 115 -1.98 -8.26 -0.30
CA LEU A 115 -2.13 -7.72 -1.65
C LEU A 115 -3.36 -6.82 -1.76
N ALA A 116 -4.44 -7.18 -1.06
CA ALA A 116 -5.63 -6.34 -1.06
C ALA A 116 -5.34 -4.98 -0.44
N GLY A 117 -4.55 -4.95 0.63
CA GLY A 117 -4.16 -3.68 1.21
C GLY A 117 -3.20 -2.91 0.30
N ASP A 118 -2.23 -3.62 -0.29
CA ASP A 118 -1.35 -3.00 -1.27
C ASP A 118 -2.16 -2.38 -2.41
N PHE A 119 -3.15 -3.12 -2.90
CA PHE A 119 -4.01 -2.61 -3.96
C PHE A 119 -4.75 -1.36 -3.51
N MET A 120 -5.30 -1.38 -2.29
CA MET A 120 -6.09 -0.25 -1.82
C MET A 120 -5.24 1.00 -1.61
N PHE A 121 -3.98 0.82 -1.20
CA PHE A 121 -3.08 1.97 -1.08
C PHE A 121 -2.80 2.60 -2.44
N ALA A 122 -2.36 1.78 -3.40
CA ALA A 122 -2.07 2.29 -4.73
C ALA A 122 -3.33 2.82 -5.42
N GLN A 123 -4.49 2.21 -5.14
CA GLN A 123 -5.73 2.66 -5.76
C GLN A 123 -6.11 4.06 -5.29
N SER A 124 -5.94 4.35 -4.00
CA SER A 124 -6.30 5.65 -3.49
C SER A 124 -5.34 6.73 -3.98
N SER A 125 -4.04 6.46 -3.94
CA SER A 125 -3.06 7.40 -4.47
C SER A 125 -3.20 7.57 -5.98
N TRP A 126 -3.80 6.60 -6.67
CA TRP A 126 -4.06 6.73 -8.09
C TRP A 126 -5.25 7.64 -8.35
N PHE A 127 -6.36 7.41 -7.63
CA PHE A 127 -7.46 8.37 -7.63
C PHE A 127 -6.98 9.76 -7.25
N LEU A 128 -6.12 9.83 -6.24
CA LEU A 128 -5.69 11.11 -5.68
C LEU A 128 -4.88 11.91 -6.68
N ALA A 129 -4.02 11.24 -7.45
CA ALA A 129 -3.27 11.92 -8.50
C ALA A 129 -4.19 12.42 -9.60
N ASN A 130 -5.30 11.72 -9.84
CA ASN A 130 -6.28 12.16 -10.83
C ASN A 130 -7.06 13.40 -10.38
N LEU A 131 -6.97 13.77 -9.10
CA LEU A 131 -7.57 15.01 -8.63
C LEU A 131 -6.67 16.22 -8.88
N GLU A 132 -5.44 15.99 -9.32
CA GLU A 132 -4.51 16.94 -9.93
C GLU A 132 -3.87 17.92 -8.93
N ASN A 133 -4.35 18.01 -7.70
CA ASN A 133 -3.75 18.91 -6.72
C ASN A 133 -2.45 18.29 -6.22
N ILE A 134 -1.32 18.92 -6.55
CA ILE A 134 -0.02 18.36 -6.18
C ILE A 134 0.20 18.43 -4.67
N GLU A 135 -0.34 19.45 -4.01
CA GLU A 135 -0.12 19.60 -2.57
C GLU A 135 -0.78 18.47 -1.78
N VAL A 136 -2.00 18.10 -2.17
CA VAL A 136 -2.66 16.96 -1.51
C VAL A 136 -1.94 15.67 -1.85
N ILE A 137 -1.33 15.58 -3.05
CA ILE A 137 -0.63 14.36 -3.44
C ILE A 137 0.52 14.07 -2.49
N LYS A 138 1.35 15.09 -2.22
CA LYS A 138 2.49 14.89 -1.33
C LYS A 138 2.03 14.67 0.11
N LEU A 139 1.00 15.39 0.53
CA LEU A 139 0.52 15.27 1.91
C LEU A 139 0.07 13.85 2.23
N ILE A 140 -0.74 13.26 1.33
CA ILE A 140 -1.25 11.92 1.58
C ILE A 140 -0.15 10.88 1.42
N SER A 141 0.79 11.10 0.49
CA SER A 141 1.93 10.19 0.37
C SER A 141 2.77 10.18 1.65
N GLN A 142 2.86 11.33 2.32
CA GLN A 142 3.53 11.37 3.61
C GLN A 142 2.79 10.52 4.64
N VAL A 143 1.46 10.51 4.57
CA VAL A 143 0.65 9.76 5.52
C VAL A 143 0.85 8.26 5.33
N ILE A 144 0.87 7.80 4.07
CA ILE A 144 1.09 6.39 3.80
C ILE A 144 2.43 5.93 4.36
N LYS A 145 3.44 6.80 4.30
CA LYS A 145 4.72 6.49 4.94
C LYS A 145 4.58 6.47 6.45
N ASP A 146 3.75 7.36 7.01
CA ASP A 146 3.61 7.44 8.45
C ASP A 146 3.01 6.16 9.03
N PHE A 147 2.06 5.55 8.32
CA PHE A 147 1.46 4.31 8.80
C PHE A 147 2.52 3.22 8.94
N ALA A 148 3.38 3.08 7.93
CA ALA A 148 4.45 2.09 8.01
C ALA A 148 5.48 2.47 9.07
N SER A 149 5.82 3.75 9.16
CA SER A 149 6.82 4.19 10.14
C SER A 149 6.36 3.88 11.57
N GLY A 150 5.10 4.18 11.87
CA GLY A 150 4.60 3.91 13.21
C GLY A 150 4.49 2.43 13.52
N GLU A 151 4.15 1.63 12.51
CA GLU A 151 3.97 0.20 12.74
C GLU A 151 5.31 -0.50 12.95
N ILE A 152 6.34 -0.10 12.20
CA ILE A 152 7.68 -0.62 12.47
C ILE A 152 8.16 -0.17 13.84
N LYS A 153 7.89 1.09 14.18
CA LYS A 153 8.31 1.61 15.49
C LYS A 153 7.53 0.95 16.62
N GLN A 154 6.21 0.77 16.44
CA GLN A 154 5.42 0.08 17.45
C GLN A 154 5.85 -1.38 17.59
N ALA A 155 6.30 -2.00 16.50
CA ALA A 155 6.71 -3.40 16.55
C ALA A 155 8.07 -3.58 17.23
N SER A 156 8.86 -2.51 17.35
CA SER A 156 10.21 -2.62 17.88
C SER A 156 10.33 -2.22 19.35
N THR A 157 9.27 -1.65 19.93
CA THR A 157 9.28 -1.26 21.34
C THR A 157 8.36 -2.12 22.20
N LEU A 158 7.89 -3.25 21.67
CA LEU A 158 7.04 -4.14 22.45
C LEU A 158 7.81 -4.71 23.64
N PHE A 159 7.11 -4.86 24.75
CA PHE A 159 7.65 -5.35 26.02
C PHE A 159 8.76 -4.46 26.58
N ASP A 160 8.97 -3.29 26.00
CA ASP A 160 9.93 -2.31 26.49
C ASP A 160 9.16 -1.30 27.34
N CYS A 161 9.24 -1.45 28.67
CA CYS A 161 8.51 -0.62 29.61
C CYS A 161 9.14 0.73 29.86
N ASP A 162 10.37 0.97 29.38
CA ASP A 162 10.95 2.30 29.47
C ASP A 162 10.55 3.17 28.28
N ILE A 163 9.50 2.79 27.56
CA ILE A 163 8.93 3.64 26.51
C ILE A 163 8.29 4.86 27.16
N THR A 164 8.52 6.02 26.58
CA THR A 164 7.99 7.26 27.12
C THR A 164 6.63 7.58 26.49
N LEU A 165 5.87 8.43 27.18
CA LEU A 165 4.64 8.95 26.60
C LEU A 165 4.93 9.80 25.38
N ASP A 166 6.11 10.43 25.33
CA ASP A 166 6.53 11.15 24.14
C ASP A 166 6.61 10.20 22.94
N ASP A 167 7.19 9.01 23.14
CA ASP A 167 7.20 8.01 22.08
C ASP A 167 5.78 7.53 21.78
N TYR A 168 4.96 7.37 22.81
CA TYR A 168 3.62 6.82 22.63
C TYR A 168 2.76 7.74 21.78
N LEU A 169 2.86 9.05 21.99
CA LEU A 169 2.07 10.00 21.20
C LEU A 169 2.60 10.11 19.77
N LEU A 170 3.93 10.08 19.62
CA LEU A 170 4.50 10.08 18.27
C LEU A 170 4.09 8.83 17.50
N LYS A 171 4.06 7.68 18.18
CA LYS A 171 3.64 6.44 17.52
C LYS A 171 2.21 6.54 17.02
N SER A 172 1.31 7.03 17.89
CA SER A 172 -0.10 7.18 17.55
C SER A 172 -0.36 8.32 16.57
N TYR A 173 0.59 9.27 16.44
CA TYR A 173 0.49 10.23 15.34
C TYR A 173 0.67 9.53 14.01
N TYR A 174 1.68 8.68 13.91
CA TYR A 174 2.01 8.04 12.64
C TYR A 174 0.86 7.17 12.13
N LYS A 175 0.36 6.29 13.00
CA LYS A 175 -0.56 5.24 12.56
C LYS A 175 -2.03 5.68 12.54
N THR A 176 -2.38 6.78 13.20
CA THR A 176 -3.77 7.18 13.28
C THR A 176 -3.98 8.67 13.04
N ALA A 177 -3.20 9.51 13.72
CA ALA A 177 -3.48 10.95 13.72
C ALA A 177 -3.04 11.64 12.43
N SER A 178 -1.97 11.16 11.79
CA SER A 178 -1.46 11.83 10.61
C SER A 178 -2.46 11.77 9.46
N LEU A 179 -3.13 10.63 9.30
CA LEU A 179 -4.14 10.51 8.25
C LEU A 179 -5.31 11.46 8.50
N ILE A 180 -5.79 11.51 9.74
CA ILE A 180 -6.93 12.34 10.07
C ILE A 180 -6.57 13.82 9.95
N ALA A 181 -5.33 14.18 10.29
CA ALA A 181 -4.91 15.58 10.17
C ALA A 181 -4.77 15.99 8.70
N ALA A 182 -4.23 15.09 7.87
CA ALA A 182 -4.07 15.42 6.45
C ALA A 182 -5.41 15.48 5.73
N SER A 183 -6.39 14.68 6.18
CA SER A 183 -7.68 14.67 5.50
C SER A 183 -8.46 15.94 5.75
N THR A 184 -8.37 16.50 6.97
CA THR A 184 -9.09 17.73 7.26
C THR A 184 -8.44 18.94 6.62
N ARG A 185 -7.11 18.93 6.48
CA ARG A 185 -6.43 20.04 5.80
C ARG A 185 -6.62 19.96 4.29
N SER A 186 -6.53 18.75 3.71
CA SER A 186 -6.73 18.60 2.28
C SER A 186 -8.14 18.99 1.87
N ALA A 187 -9.12 18.78 2.77
CA ALA A 187 -10.47 19.25 2.49
C ALA A 187 -10.51 20.78 2.44
N ALA A 188 -9.79 21.45 3.35
CA ALA A 188 -9.71 22.90 3.31
C ALA A 188 -8.98 23.38 2.06
N ILE A 189 -8.02 22.60 1.57
CA ILE A 189 -7.27 23.00 0.39
C ILE A 189 -8.15 22.96 -0.85
N PHE A 190 -8.92 21.88 -1.03
CA PHE A 190 -9.83 21.79 -2.15
C PHE A 190 -10.95 22.82 -2.07
N SER A 191 -11.07 23.54 -0.96
CA SER A 191 -11.96 24.68 -0.86
C SER A 191 -11.25 26.00 -1.16
N GLY A 192 -9.92 26.02 -1.18
CA GLY A 192 -9.16 27.19 -1.54
C GLY A 192 -8.99 28.22 -0.46
N VAL A 193 -9.31 27.90 0.79
CA VAL A 193 -9.23 28.87 1.88
C VAL A 193 -7.78 29.22 2.17
N SER A 194 -7.57 30.19 3.06
CA SER A 194 -6.25 30.72 3.33
C SER A 194 -5.34 29.65 3.96
N THR A 195 -4.04 29.93 3.93
CA THR A 195 -3.05 28.99 4.48
C THR A 195 -3.25 28.81 5.98
N ALA A 196 -3.54 29.90 6.69
CA ALA A 196 -3.74 29.80 8.14
C ALA A 196 -4.92 28.89 8.47
N ILE A 197 -6.02 29.01 7.70
CA ILE A 197 -7.14 28.10 7.89
C ILE A 197 -6.73 26.68 7.55
N CYS A 198 -5.95 26.51 6.48
CA CYS A 198 -5.42 25.18 6.15
C CYS A 198 -4.61 24.61 7.30
N GLU A 199 -3.85 25.45 7.99
CA GLU A 199 -2.98 24.96 9.06
C GLU A 199 -3.80 24.57 10.30
N GLN A 200 -4.81 25.37 10.64
CA GLN A 200 -5.62 25.10 11.82
C GLN A 200 -6.58 23.93 11.60
N MET A 201 -6.98 23.70 10.34
CA MET A 201 -7.74 22.49 10.04
C MET A 201 -6.88 21.24 10.23
N TYR A 202 -5.60 21.32 9.85
CA TYR A 202 -4.68 20.21 10.10
C TYR A 202 -4.47 20.00 11.59
N GLU A 203 -4.49 21.07 12.38
CA GLU A 203 -4.27 20.93 13.81
C GLU A 203 -5.49 20.36 14.51
N TYR A 204 -6.69 20.61 13.99
CA TYR A 204 -7.88 19.96 14.52
C TYR A 204 -7.82 18.46 14.26
N GLY A 205 -7.42 18.06 13.05
CA GLY A 205 -7.41 16.66 12.70
C GLY A 205 -6.39 15.84 13.47
N ARG A 206 -5.24 16.44 13.78
CA ARG A 206 -4.22 15.70 14.52
C ARG A 206 -4.58 15.55 15.98
N ASN A 207 -5.22 16.54 16.59
CA ASN A 207 -5.55 16.46 18.00
C ASN A 207 -6.80 15.63 18.25
N LEU A 208 -7.78 15.68 17.35
CA LEU A 208 -8.92 14.78 17.45
C LEU A 208 -8.49 13.34 17.23
N GLY A 209 -7.60 13.11 16.26
CA GLY A 209 -7.12 11.76 16.01
C GLY A 209 -6.25 11.23 17.15
N LEU A 210 -5.46 12.11 17.76
CA LEU A 210 -4.64 11.70 18.90
C LEU A 210 -5.51 11.20 20.05
N SER A 211 -6.49 12.01 20.46
CA SER A 211 -7.41 11.58 21.51
C SER A 211 -8.26 10.39 21.04
N PHE A 212 -8.55 10.32 19.74
CA PHE A 212 -9.31 9.19 19.22
C PHE A 212 -8.58 7.87 19.46
N GLN A 213 -7.27 7.85 19.21
CA GLN A 213 -6.50 6.64 19.44
C GLN A 213 -6.31 6.36 20.93
N VAL A 214 -6.20 7.41 21.74
CA VAL A 214 -6.12 7.22 23.19
C VAL A 214 -7.37 6.52 23.70
N VAL A 215 -8.53 6.90 23.16
CA VAL A 215 -9.77 6.23 23.54
C VAL A 215 -9.80 4.80 23.01
N ASP A 216 -9.34 4.61 21.77
CA ASP A 216 -9.23 3.26 21.22
C ASP A 216 -8.35 2.38 22.10
N ASP A 217 -7.31 2.96 22.71
CA ASP A 217 -6.48 2.21 23.64
C ASP A 217 -7.17 1.98 24.97
N ILE A 218 -8.05 2.91 25.38
CA ILE A 218 -8.79 2.72 26.62
C ILE A 218 -9.83 1.62 26.46
N LEU A 219 -10.57 1.62 25.33
CA LEU A 219 -11.62 0.65 25.13
C LEU A 219 -11.10 -0.78 25.03
N ASP A 220 -9.80 -0.95 24.74
CA ASP A 220 -9.23 -2.29 24.79
C ASP A 220 -9.20 -2.83 26.22
N PHE A 221 -9.15 -1.95 27.21
CA PHE A 221 -9.21 -2.34 28.61
C PHE A 221 -10.62 -2.35 29.17
N THR A 222 -11.49 -1.49 28.65
CA THR A 222 -12.77 -1.19 29.31
C THR A 222 -13.98 -1.70 28.55
N GLN A 223 -13.81 -2.39 27.43
CA GLN A 223 -14.94 -2.89 26.64
C GLN A 223 -14.70 -4.33 26.22
N SER A 224 -15.79 -5.00 25.87
CA SER A 224 -15.76 -6.39 25.45
C SER A 224 -15.49 -6.50 23.95
N ALA A 225 -15.03 -7.69 23.54
CA ALA A 225 -14.79 -7.93 22.12
C ALA A 225 -16.07 -7.84 21.31
N GLU A 226 -17.15 -8.41 21.83
CA GLU A 226 -18.45 -8.32 21.15
C GLU A 226 -18.90 -6.87 21.02
N GLN A 227 -18.57 -6.02 21.99
CA GLN A 227 -18.98 -4.63 21.94
C GLN A 227 -18.23 -3.89 20.84
N LEU A 228 -16.91 -3.95 20.84
CA LEU A 228 -16.11 -3.24 19.85
C LEU A 228 -16.13 -3.89 18.48
N GLY A 229 -16.57 -5.14 18.38
CA GLY A 229 -16.50 -5.88 17.14
C GLY A 229 -15.13 -6.37 16.77
N LYS A 230 -14.14 -6.16 17.63
CA LYS A 230 -12.76 -6.57 17.41
C LYS A 230 -12.22 -7.12 18.73
N PRO A 231 -11.12 -7.88 18.68
CA PRO A 231 -10.59 -8.47 19.92
C PRO A 231 -10.29 -7.41 20.97
N ALA A 232 -10.63 -7.73 22.21
CA ALA A 232 -10.43 -6.86 23.35
C ALA A 232 -9.37 -7.43 24.28
N GLY A 233 -8.73 -6.54 25.03
CA GLY A 233 -7.67 -6.95 25.93
C GLY A 233 -6.50 -7.61 25.20
N SER A 234 -6.06 -6.98 24.12
CA SER A 234 -5.03 -7.54 23.26
C SER A 234 -3.72 -6.76 23.25
N ASP A 235 -3.77 -5.45 23.52
CA ASP A 235 -2.56 -4.64 23.45
C ASP A 235 -1.56 -5.05 24.51
N LEU A 236 -2.00 -5.12 25.77
CA LEU A 236 -1.09 -5.43 26.87
C LEU A 236 -0.48 -6.82 26.73
N ALA A 237 -1.31 -7.80 26.37
CA ALA A 237 -0.82 -9.18 26.26
C ALA A 237 0.24 -9.33 25.19
N LYS A 238 0.16 -8.52 24.12
CA LYS A 238 1.14 -8.58 23.05
C LYS A 238 2.38 -7.75 23.32
N GLY A 239 2.40 -6.99 24.43
CA GLY A 239 3.51 -6.12 24.74
C GLY A 239 3.37 -4.70 24.26
N ASN A 240 2.23 -4.34 23.68
CA ASN A 240 1.96 -2.97 23.23
C ASN A 240 1.45 -2.18 24.44
N LEU A 241 2.31 -1.35 25.01
CA LEU A 241 2.04 -0.67 26.27
C LEU A 241 1.46 0.71 25.97
N THR A 242 0.15 0.82 26.06
CA THR A 242 -0.56 2.06 25.76
C THR A 242 -0.49 3.02 26.95
N ALA A 243 -1.21 4.13 26.87
CA ALA A 243 -1.15 5.14 27.91
C ALA A 243 -1.62 4.66 29.28
N PRO A 244 -2.70 3.88 29.42
CA PRO A 244 -3.05 3.37 30.76
C PRO A 244 -1.93 2.60 31.42
N VAL A 245 -1.12 1.86 30.65
CA VAL A 245 -0.04 1.08 31.25
C VAL A 245 1.15 1.98 31.58
N ILE A 246 1.54 2.87 30.66
CA ILE A 246 2.67 3.75 30.91
C ILE A 246 2.39 4.65 32.12
N PHE A 247 1.17 5.15 32.23
CA PHE A 247 0.78 5.90 33.43
C PHE A 247 0.82 5.00 34.65
N ALA A 248 0.27 3.79 34.55
CA ALA A 248 0.25 2.86 35.67
C ALA A 248 1.66 2.40 36.03
N LEU A 249 2.55 2.29 35.05
CA LEU A 249 3.90 1.81 35.25
C LEU A 249 4.77 2.78 36.06
N GLN A 250 4.24 3.94 36.43
CA GLN A 250 5.01 4.93 37.15
C GLN A 250 4.93 4.77 38.66
N ASP A 251 3.92 4.07 39.17
CA ASP A 251 3.74 3.87 40.60
C ASP A 251 3.77 2.41 41.03
N GLU A 252 3.28 1.50 40.20
CA GLU A 252 3.26 0.07 40.53
C GLU A 252 4.33 -0.65 39.73
N PRO A 253 5.52 -0.84 40.30
CA PRO A 253 6.63 -1.43 39.54
C PRO A 253 6.53 -2.93 39.31
N GLN A 254 5.56 -3.60 39.94
CA GLN A 254 5.35 -5.02 39.67
C GLN A 254 4.97 -5.25 38.21
N LEU A 255 4.37 -4.24 37.57
CA LEU A 255 4.06 -4.32 36.15
C LEU A 255 5.30 -4.58 35.33
N ARG A 256 6.41 -3.91 35.66
CA ARG A 256 7.64 -4.04 34.89
C ARG A 256 8.09 -5.50 34.79
N GLU A 257 8.11 -6.20 35.92
CA GLU A 257 8.53 -7.60 35.92
C GLU A 257 7.59 -8.45 35.09
N ILE A 258 6.28 -8.29 35.29
CA ILE A 258 5.30 -9.11 34.57
C ILE A 258 5.42 -8.88 33.06
N ILE A 259 5.60 -7.64 32.64
CA ILE A 259 5.72 -7.35 31.22
C ILE A 259 7.08 -7.80 30.69
N ASP A 260 8.15 -7.53 31.44
CA ASP A 260 9.45 -8.09 31.09
C ASP A 260 9.46 -9.61 31.20
N SER A 261 8.57 -10.19 32.00
CA SER A 261 8.37 -11.64 31.98
C SER A 261 7.74 -12.12 30.69
N GLU A 262 7.33 -11.20 29.80
CA GLU A 262 6.50 -11.52 28.64
C GLU A 262 5.26 -12.32 29.07
N PHE A 263 4.78 -12.06 30.29
CA PHE A 263 3.58 -12.71 30.85
C PHE A 263 3.68 -14.23 30.82
N SER A 264 4.89 -14.77 31.00
CA SER A 264 5.11 -16.21 30.86
C SER A 264 4.47 -16.97 32.01
N GLU A 265 4.51 -16.41 33.23
CA GLU A 265 3.83 -17.04 34.35
C GLU A 265 2.33 -17.08 34.10
N THR A 266 1.75 -18.26 34.31
CA THR A 266 0.30 -18.35 34.42
C THR A 266 -0.18 -17.41 35.53
N ASN A 267 -1.33 -16.77 35.29
CA ASN A 267 -2.04 -15.76 36.08
C ASN A 267 -1.41 -14.37 35.94
N SER A 268 -0.24 -14.23 35.30
CA SER A 268 0.46 -12.94 35.30
C SER A 268 -0.33 -11.87 34.56
N LEU A 269 -0.93 -12.21 33.42
CA LEU A 269 -1.69 -11.21 32.66
C LEU A 269 -2.90 -10.74 33.44
N ALA A 270 -3.60 -11.66 34.10
CA ALA A 270 -4.79 -11.28 34.86
C ALA A 270 -4.45 -10.32 36.00
N THR A 271 -3.31 -10.54 36.66
CA THR A 271 -2.92 -9.66 37.75
C THR A 271 -2.38 -8.33 37.23
N ALA A 272 -1.67 -8.35 36.10
CA ALA A 272 -1.17 -7.10 35.52
C ALA A 272 -2.32 -6.21 35.08
N ILE A 273 -3.40 -6.81 34.58
CA ILE A 273 -4.56 -6.03 34.15
C ILE A 273 -5.17 -5.30 35.33
N GLU A 274 -5.34 -6.00 36.46
CA GLU A 274 -5.89 -5.35 37.64
C GLU A 274 -4.93 -4.31 38.21
N LEU A 275 -3.62 -4.49 37.99
CA LEU A 275 -2.66 -3.47 38.41
C LEU A 275 -2.84 -2.19 37.62
N VAL A 276 -3.32 -2.29 36.38
CA VAL A 276 -3.63 -1.08 35.60
C VAL A 276 -4.88 -0.40 36.16
N HIS A 277 -5.94 -1.18 36.40
CA HIS A 277 -7.13 -0.62 37.03
C HIS A 277 -6.84 -0.18 38.45
N ARG A 278 -5.94 -0.88 39.14
CA ARG A 278 -5.43 -0.49 40.45
C ARG A 278 -5.08 0.98 40.50
N SER A 279 -4.12 1.38 39.66
CA SER A 279 -3.67 2.75 39.59
C SER A 279 -4.75 3.61 38.96
N GLY A 280 -4.42 4.87 38.71
CA GLY A 280 -5.33 5.74 37.96
C GLY A 280 -4.98 5.73 36.49
N GLY A 281 -4.46 4.60 36.01
CA GLY A 281 -3.96 4.55 34.64
C GLY A 281 -5.04 4.84 33.61
N ILE A 282 -6.21 4.22 33.75
CA ILE A 282 -7.27 4.40 32.77
C ILE A 282 -7.78 5.83 32.77
N LYS A 283 -8.00 6.41 33.96
CA LYS A 283 -8.53 7.76 34.02
C LYS A 283 -7.47 8.82 33.69
N ARG A 284 -6.20 8.55 34.02
CA ARG A 284 -5.14 9.49 33.64
C ARG A 284 -4.97 9.52 32.13
N ALA A 285 -5.12 8.36 31.47
CA ALA A 285 -5.08 8.33 30.01
C ALA A 285 -6.30 9.04 29.42
N HIS A 286 -7.45 8.96 30.10
CA HIS A 286 -8.65 9.64 29.60
C HIS A 286 -8.47 11.14 29.61
N GLU A 287 -7.80 11.69 30.62
CA GLU A 287 -7.58 13.12 30.68
C GLU A 287 -6.56 13.57 29.64
N LEU A 288 -5.64 12.68 29.24
CA LEU A 288 -4.79 12.98 28.10
C LEU A 288 -5.63 13.11 26.83
N ALA A 289 -6.67 12.30 26.69
CA ALA A 289 -7.58 12.43 25.56
C ALA A 289 -8.40 13.70 25.65
N ARG A 290 -8.81 14.09 26.86
CA ARG A 290 -9.56 15.32 27.02
C ARG A 290 -8.72 16.54 26.67
N GLU A 291 -7.44 16.51 27.03
CA GLU A 291 -6.56 17.64 26.73
C GLU A 291 -6.31 17.74 25.23
N LYS A 292 -6.03 16.61 24.57
CA LYS A 292 -5.89 16.62 23.13
C LYS A 292 -7.19 17.07 22.45
N GLY A 293 -8.33 16.78 23.07
CA GLY A 293 -9.58 17.27 22.53
C GLY A 293 -9.78 18.76 22.77
N GLU A 294 -9.21 19.29 23.84
CA GLU A 294 -9.29 20.73 24.09
C GLU A 294 -8.56 21.51 23.01
N ILE A 295 -7.37 21.05 22.63
CA ILE A 295 -6.61 21.72 21.58
C ILE A 295 -7.34 21.63 20.24
N ALA A 296 -8.06 20.54 20.00
CA ALA A 296 -8.76 20.38 18.73
C ALA A 296 -9.92 21.37 18.60
N ILE A 297 -10.62 21.65 19.71
CA ILE A 297 -11.76 22.56 19.66
C ILE A 297 -11.29 23.98 19.39
N GLN A 298 -10.17 24.38 19.98
CA GLN A 298 -9.66 25.75 19.79
C GLN A 298 -9.35 26.03 18.33
N SER A 299 -8.93 25.00 17.58
CA SER A 299 -8.63 25.19 16.16
C SER A 299 -9.89 25.44 15.32
N LEU A 300 -11.07 25.26 15.88
CA LEU A 300 -12.31 25.43 15.14
C LEU A 300 -12.84 26.85 15.14
N GLN A 301 -12.42 27.68 16.11
CA GLN A 301 -12.94 29.03 16.20
C GLN A 301 -12.46 29.94 15.07
N CYS A 302 -11.55 29.45 14.21
CA CYS A 302 -11.16 30.22 13.04
C CYS A 302 -12.31 30.30 12.02
N LEU A 303 -13.22 29.30 12.05
CA LEU A 303 -14.39 29.16 11.20
C LEU A 303 -15.57 29.93 11.78
N PRO A 304 -16.50 30.37 10.93
CA PRO A 304 -17.73 30.98 11.44
C PRO A 304 -18.58 29.97 12.18
N ARG A 305 -19.62 30.48 12.84
CA ARG A 305 -20.55 29.63 13.57
C ARG A 305 -21.48 28.94 12.58
N SER A 306 -21.35 27.63 12.46
CA SER A 306 -22.20 26.84 11.59
C SER A 306 -22.41 25.47 12.22
N GLU A 307 -23.52 24.83 11.85
CA GLU A 307 -23.78 23.48 12.36
C GLU A 307 -22.76 22.47 11.84
N PHE A 308 -22.00 22.81 10.81
CA PHE A 308 -20.86 21.98 10.43
C PHE A 308 -19.74 22.12 11.45
N ARG A 309 -19.52 23.33 11.96
CA ARG A 309 -18.50 23.52 12.99
C ARG A 309 -18.94 22.95 14.33
N SER A 310 -20.20 23.16 14.70
CA SER A 310 -20.69 22.66 15.98
C SER A 310 -20.82 21.14 15.99
N THR A 311 -20.99 20.51 14.83
CA THR A 311 -20.85 19.05 14.76
C THR A 311 -19.39 18.65 14.98
N LEU A 312 -18.48 19.33 14.30
CA LEU A 312 -17.05 19.14 14.56
C LEU A 312 -16.68 19.48 15.99
N GLU A 313 -17.47 20.35 16.65
CA GLU A 313 -17.30 20.56 18.08
C GLU A 313 -17.80 19.36 18.86
N ASN A 314 -18.84 18.68 18.37
CA ASN A 314 -19.42 17.55 19.07
C ASN A 314 -18.63 16.26 18.89
N MET A 315 -17.79 16.18 17.85
CA MET A 315 -17.13 14.92 17.54
C MET A 315 -16.02 14.58 18.51
N VAL A 316 -15.45 15.57 19.20
CA VAL A 316 -14.50 15.26 20.27
C VAL A 316 -15.23 14.93 21.55
N LYS A 317 -16.31 15.65 21.85
CA LYS A 317 -17.13 15.31 23.01
C LYS A 317 -17.76 13.94 22.86
N TYR A 318 -18.05 13.53 21.62
CA TYR A 318 -18.52 12.16 21.39
C TYR A 318 -17.40 11.15 21.60
N ASN A 319 -16.15 11.55 21.37
CA ASN A 319 -15.03 10.64 21.56
C ASN A 319 -14.84 10.29 23.03
N LEU A 320 -15.04 11.26 23.92
CA LEU A 320 -14.84 11.03 25.35
C LEU A 320 -16.01 10.30 26.01
N GLU A 321 -17.13 10.10 25.29
CA GLU A 321 -18.27 9.37 25.81
C GLU A 321 -18.57 8.12 24.98
N ARG A 322 -17.58 7.60 24.27
CA ARG A 322 -17.78 6.58 23.26
C ARG A 322 -17.43 5.20 23.81
N ILE A 323 -18.39 4.28 23.74
CA ILE A 323 -18.12 2.87 24.03
C ILE A 323 -17.82 2.07 22.78
N ASP A 324 -17.97 2.66 21.60
CA ASP A 324 -17.69 2.02 20.31
C ASP A 324 -18.55 0.77 20.08
N VAL B 8 16.99 -2.00 5.12
CA VAL B 8 16.39 -2.65 3.97
C VAL B 8 16.22 -1.63 2.84
N VAL B 9 15.46 -0.57 3.12
CA VAL B 9 15.34 0.52 2.15
C VAL B 9 16.69 1.22 1.97
N ALA B 10 17.38 1.48 3.08
CA ALA B 10 18.67 2.17 3.01
C ALA B 10 19.75 1.32 2.36
N ASP B 11 19.58 0.01 2.30
CA ASP B 11 20.57 -0.86 1.66
C ASP B 11 20.39 -0.92 0.15
N ASP B 12 19.14 -0.88 -0.33
CA ASP B 12 18.92 -0.93 -1.77
C ASP B 12 19.43 0.33 -2.45
N LEU B 13 19.24 1.49 -1.83
CA LEU B 13 19.72 2.74 -2.41
C LEU B 13 21.24 2.75 -2.51
N LEU B 14 21.94 2.14 -1.56
CA LEU B 14 23.40 2.14 -1.57
C LEU B 14 23.93 1.39 -2.79
N LYS B 15 23.64 0.09 -2.89
CA LYS B 15 24.12 -0.69 -4.02
C LYS B 15 23.53 -0.22 -5.34
N LEU B 16 22.46 0.58 -5.30
CA LEU B 16 21.94 1.19 -6.51
C LEU B 16 22.76 2.44 -6.88
N ASN B 17 23.01 3.31 -5.91
CA ASN B 17 23.86 4.47 -6.15
C ASN B 17 25.22 4.06 -6.67
N ASN B 18 25.71 2.89 -6.24
CA ASN B 18 27.00 2.40 -6.72
C ASN B 18 26.87 1.75 -8.10
N ASN B 19 25.84 0.92 -8.30
CA ASN B 19 25.69 0.23 -9.59
C ASN B 19 25.42 1.21 -10.73
N LEU B 20 24.69 2.29 -10.46
CA LEU B 20 24.49 3.31 -11.48
C LEU B 20 25.79 4.02 -11.81
N LYS B 21 26.70 4.13 -10.84
CA LYS B 21 28.01 4.72 -11.12
C LYS B 21 28.90 3.74 -11.86
N SER B 22 28.79 2.45 -11.57
CA SER B 22 29.58 1.46 -12.29
C SER B 22 29.21 1.39 -13.76
N LEU B 23 28.00 1.82 -14.13
CA LEU B 23 27.61 1.87 -15.52
C LEU B 23 27.96 3.21 -16.17
N VAL B 24 27.76 4.32 -15.46
CA VAL B 24 28.15 5.62 -16.02
C VAL B 24 29.65 5.68 -16.23
N GLY B 25 30.41 4.95 -15.42
CA GLY B 25 31.84 4.84 -15.67
C GLY B 25 32.15 3.94 -16.84
N ALA B 26 31.39 2.85 -16.99
CA ALA B 26 31.60 1.96 -18.13
C ALA B 26 31.09 2.58 -19.42
N GLU B 27 30.02 3.40 -19.36
CA GLU B 27 29.49 4.06 -20.55
C GLU B 27 30.38 5.19 -21.06
N ASN B 28 31.48 5.50 -20.35
CA ASN B 28 32.29 6.66 -20.75
C ASN B 28 33.15 6.36 -21.97
N PRO B 29 33.98 5.30 -21.98
CA PRO B 29 34.72 5.08 -23.23
C PRO B 29 34.00 4.13 -24.17
N LYS B 44 17.85 -7.10 -8.22
CA LYS B 44 18.76 -7.20 -9.36
C LYS B 44 19.25 -5.83 -9.80
N ARG B 45 19.83 -5.78 -11.00
CA ARG B 45 20.42 -4.57 -11.54
C ARG B 45 19.79 -4.11 -12.85
N LEU B 46 18.83 -4.87 -13.39
CA LEU B 46 18.36 -4.63 -14.75
C LEU B 46 17.48 -3.40 -14.85
N ARG B 47 16.54 -3.23 -13.92
CA ARG B 47 15.57 -2.15 -14.02
C ARG B 47 16.20 -0.75 -13.99
N PRO B 48 17.10 -0.42 -13.05
CA PRO B 48 17.69 0.92 -13.09
C PRO B 48 18.67 1.12 -14.23
N ALA B 49 19.24 0.04 -14.77
CA ALA B 49 20.07 0.18 -15.96
C ALA B 49 19.24 0.66 -17.14
N LEU B 50 18.01 0.15 -17.27
CA LEU B 50 17.13 0.62 -18.34
C LEU B 50 16.73 2.07 -18.13
N VAL B 51 16.45 2.46 -16.89
CA VAL B 51 16.11 3.86 -16.62
C VAL B 51 17.29 4.75 -16.93
N PHE B 52 18.48 4.35 -16.50
CA PHE B 52 19.67 5.18 -16.69
C PHE B 52 19.98 5.41 -18.16
N LEU B 53 19.86 4.36 -18.99
CA LEU B 53 20.23 4.47 -20.38
C LEU B 53 19.15 5.15 -21.22
N VAL B 54 17.88 4.96 -20.87
CA VAL B 54 16.82 5.70 -21.56
C VAL B 54 16.80 7.15 -21.10
N SER B 55 17.19 7.41 -19.85
CA SER B 55 17.25 8.78 -19.35
C SER B 55 18.26 9.60 -20.15
N ARG B 56 19.46 9.05 -20.34
CA ARG B 56 20.51 9.81 -21.03
C ARG B 56 20.23 9.93 -22.52
N ALA B 57 19.67 8.88 -23.12
CA ALA B 57 19.34 8.93 -24.55
C ALA B 57 18.33 10.04 -24.83
N THR B 58 17.29 10.14 -24.00
CA THR B 58 16.32 11.21 -24.18
C THR B 58 16.87 12.55 -23.71
N ALA B 59 17.86 12.55 -22.82
CA ALA B 59 18.41 13.80 -22.30
C ALA B 59 19.21 14.53 -23.37
N GLU B 60 20.13 13.82 -24.02
CA GLU B 60 20.94 14.45 -25.07
C GLU B 60 20.08 14.92 -26.23
N LEU B 61 18.95 14.25 -26.48
CA LEU B 61 18.04 14.68 -27.54
C LEU B 61 17.35 15.99 -27.17
N ALA B 62 17.17 16.26 -25.88
CA ALA B 62 16.48 17.46 -25.41
C ALA B 62 17.43 18.60 -25.07
N GLY B 63 18.74 18.41 -25.26
CA GLY B 63 19.70 19.43 -24.91
C GLY B 63 20.13 19.45 -23.46
N LEU B 64 19.66 18.51 -22.65
CA LEU B 64 20.09 18.44 -21.26
C LEU B 64 21.54 17.93 -21.21
N LEU B 65 22.42 18.73 -20.60
CA LEU B 65 23.82 18.38 -20.51
C LEU B 65 24.15 17.46 -19.34
N GLU B 66 23.15 17.10 -18.54
CA GLU B 66 23.35 16.17 -17.43
C GLU B 66 22.00 15.64 -17.00
N LEU B 67 21.99 14.41 -16.51
CA LEU B 67 20.77 13.83 -15.96
C LEU B 67 20.28 14.68 -14.80
N THR B 68 18.99 15.02 -14.82
CA THR B 68 18.40 15.77 -13.73
C THR B 68 18.30 14.91 -12.48
N THR B 69 17.76 15.49 -11.41
CA THR B 69 17.56 14.73 -10.18
C THR B 69 16.36 13.79 -10.29
N GLU B 70 15.36 14.17 -11.09
CA GLU B 70 14.20 13.30 -11.29
C GLU B 70 14.62 11.98 -11.95
N HIS B 71 15.56 12.04 -12.89
CA HIS B 71 16.04 10.83 -13.53
C HIS B 71 16.78 9.94 -12.55
N GLN B 72 17.64 10.53 -11.71
CA GLN B 72 18.43 9.76 -10.77
C GLN B 72 17.54 9.03 -9.76
N ARG B 73 16.54 9.72 -9.24
CA ARG B 73 15.68 9.16 -8.21
C ARG B 73 14.50 8.37 -8.78
N LEU B 74 14.26 8.44 -10.09
CA LEU B 74 13.33 7.51 -10.71
C LEU B 74 13.89 6.10 -10.72
N ALA B 75 15.21 5.98 -10.89
CA ALA B 75 15.84 4.66 -10.95
C ALA B 75 15.72 3.92 -9.63
N GLU B 76 15.86 4.63 -8.52
CA GLU B 76 15.69 4.01 -7.21
C GLU B 76 14.23 3.80 -6.87
N ILE B 77 13.34 4.63 -7.43
CA ILE B 77 11.90 4.42 -7.24
C ILE B 77 11.48 3.09 -7.81
N ILE B 78 11.97 2.75 -9.00
CA ILE B 78 11.49 1.57 -9.71
C ILE B 78 11.98 0.29 -9.03
N GLU B 79 13.26 0.24 -8.69
CA GLU B 79 13.79 -0.95 -8.02
C GLU B 79 13.14 -1.15 -6.66
N MET B 80 12.80 -0.07 -5.96
CA MET B 80 12.15 -0.19 -4.67
C MET B 80 10.75 -0.80 -4.81
N ILE B 81 10.06 -0.48 -5.89
CA ILE B 81 8.77 -1.10 -6.16
C ILE B 81 8.95 -2.57 -6.53
N HIS B 82 9.95 -2.85 -7.37
CA HIS B 82 10.22 -4.24 -7.77
C HIS B 82 10.64 -5.08 -6.57
N THR B 83 11.49 -4.54 -5.71
CA THR B 83 11.96 -5.29 -4.55
C THR B 83 10.84 -5.47 -3.52
N ALA B 84 10.07 -4.41 -3.25
CA ALA B 84 8.95 -4.53 -2.32
C ALA B 84 7.91 -5.50 -2.85
N SER B 85 7.79 -5.63 -4.17
CA SER B 85 6.85 -6.58 -4.75
C SER B 85 7.23 -8.01 -4.38
N LEU B 86 8.49 -8.38 -4.59
CA LEU B 86 8.94 -9.74 -4.28
C LEU B 86 8.77 -10.05 -2.79
N ILE B 87 9.01 -9.06 -1.93
CA ILE B 87 8.86 -9.26 -0.50
C ILE B 87 7.41 -9.60 -0.16
N HIS B 88 6.46 -8.82 -0.68
CA HIS B 88 5.06 -9.05 -0.38
C HIS B 88 4.53 -10.29 -1.12
N ASP B 89 5.07 -10.59 -2.29
CA ASP B 89 4.62 -11.76 -3.05
C ASP B 89 4.90 -13.05 -2.31
N ASP B 90 5.93 -13.07 -1.47
CA ASP B 90 6.33 -14.27 -0.75
C ASP B 90 5.64 -14.41 0.61
N VAL B 91 4.65 -13.55 0.89
CA VAL B 91 3.90 -13.69 2.14
C VAL B 91 3.14 -15.00 2.12
N ILE B 92 3.19 -15.72 3.24
CA ILE B 92 2.70 -17.09 3.29
C ILE B 92 1.18 -17.12 3.18
N ASP B 93 0.66 -18.12 2.48
CA ASP B 93 -0.76 -18.45 2.51
C ASP B 93 -1.02 -19.40 3.68
N ASP B 94 -1.96 -19.03 4.54
CA ASP B 94 -2.35 -19.84 5.69
C ASP B 94 -3.87 -19.93 5.79
N SER B 95 -4.56 -19.95 4.65
CA SER B 95 -6.02 -19.88 4.65
C SER B 95 -6.63 -21.07 5.36
N GLY B 96 -6.26 -22.28 4.96
CA GLY B 96 -6.83 -23.47 5.55
C GLY B 96 -6.02 -24.05 6.69
N MET B 97 -5.26 -23.20 7.37
CA MET B 97 -4.37 -23.63 8.44
C MET B 97 -5.11 -23.54 9.77
N ARG B 98 -5.47 -24.70 10.33
CA ARG B 98 -6.04 -24.78 11.67
C ARG B 98 -5.04 -25.32 12.68
N ARG B 99 -3.75 -25.09 12.45
CA ARG B 99 -2.70 -25.63 13.31
C ARG B 99 -2.05 -24.52 14.13
N GLY B 100 -0.83 -24.17 13.78
CA GLY B 100 -0.11 -23.12 14.48
C GLY B 100 0.23 -21.93 13.59
N LYS B 101 -0.64 -20.92 13.60
CA LYS B 101 -0.42 -19.75 12.76
C LYS B 101 0.80 -18.96 13.22
N GLU B 102 0.90 -18.72 14.53
CA GLU B 102 2.00 -17.92 15.05
C GLU B 102 3.35 -18.60 14.86
N THR B 103 3.37 -19.94 14.84
CA THR B 103 4.64 -20.64 14.71
C THR B 103 5.21 -20.52 13.32
N ILE B 104 4.36 -20.63 12.28
CA ILE B 104 4.86 -20.53 10.92
C ILE B 104 5.21 -19.09 10.57
N HIS B 105 4.55 -18.12 11.21
CA HIS B 105 4.84 -16.72 10.91
C HIS B 105 6.17 -16.28 11.52
N GLN B 106 6.47 -16.73 12.74
CA GLN B 106 7.81 -16.52 13.29
C GLN B 106 8.85 -17.30 12.49
N LEU B 107 8.47 -18.45 11.94
CA LEU B 107 9.42 -19.25 11.19
C LEU B 107 9.77 -18.61 9.84
N TYR B 108 8.82 -17.90 9.23
CA TYR B 108 9.02 -17.31 7.91
C TYR B 108 9.01 -15.79 7.95
N GLY B 109 9.11 -15.20 9.15
CA GLY B 109 9.21 -13.75 9.30
C GLY B 109 8.10 -12.97 8.63
N THR B 110 6.85 -13.37 8.86
CA THR B 110 5.72 -12.77 8.14
C THR B 110 5.52 -11.32 8.54
N ARG B 111 5.37 -11.06 9.85
CA ARG B 111 5.08 -9.70 10.30
C ARG B 111 6.20 -8.73 9.94
N VAL B 112 7.43 -9.24 9.81
CA VAL B 112 8.54 -8.39 9.37
C VAL B 112 8.48 -8.14 7.87
N ALA B 113 8.10 -9.15 7.09
CA ALA B 113 8.07 -9.02 5.65
C ALA B 113 7.02 -8.00 5.21
N VAL B 114 5.84 -8.01 5.84
CA VAL B 114 4.77 -7.10 5.43
C VAL B 114 5.09 -5.66 5.83
N LEU B 115 5.71 -5.47 6.99
CA LEU B 115 6.03 -4.11 7.44
C LEU B 115 7.11 -3.48 6.57
N ALA B 116 8.16 -4.24 6.26
CA ALA B 116 9.23 -3.69 5.43
C ALA B 116 8.77 -3.48 3.99
N GLY B 117 7.86 -4.32 3.49
CA GLY B 117 7.32 -4.11 2.17
C GLY B 117 6.46 -2.86 2.10
N ASP B 118 5.67 -2.61 3.14
CA ASP B 118 4.86 -1.38 3.19
C ASP B 118 5.75 -0.15 3.20
N PHE B 119 6.75 -0.12 4.08
CA PHE B 119 7.61 1.04 4.19
C PHE B 119 8.39 1.28 2.90
N MET B 120 8.81 0.20 2.23
CA MET B 120 9.49 0.35 0.95
C MET B 120 8.51 0.81 -0.13
N PHE B 121 7.26 0.36 -0.07
CA PHE B 121 6.24 0.87 -0.97
C PHE B 121 5.90 2.32 -0.67
N ALA B 122 5.92 2.68 0.61
CA ALA B 122 5.55 4.04 1.01
C ALA B 122 6.65 5.03 0.67
N GLN B 123 7.91 4.66 0.92
CA GLN B 123 9.02 5.56 0.59
C GLN B 123 9.15 5.74 -0.93
N SER B 124 8.71 4.75 -1.70
CA SER B 124 8.79 4.86 -3.16
C SER B 124 7.80 5.88 -3.68
N SER B 125 6.53 5.76 -3.28
CA SER B 125 5.52 6.73 -3.71
C SER B 125 5.79 8.11 -3.10
N TRP B 126 6.43 8.16 -1.94
CA TRP B 126 6.79 9.43 -1.32
C TRP B 126 7.87 10.14 -2.15
N PHE B 127 8.91 9.40 -2.55
CA PHE B 127 9.84 9.91 -3.54
C PHE B 127 9.10 10.35 -4.81
N LEU B 128 8.21 9.49 -5.29
CA LEU B 128 7.48 9.79 -6.52
C LEU B 128 6.60 11.03 -6.36
N ALA B 129 5.98 11.19 -5.20
CA ALA B 129 5.13 12.35 -4.98
C ALA B 129 5.94 13.64 -4.93
N ASN B 130 7.17 13.57 -4.41
CA ASN B 130 8.01 14.76 -4.32
C ASN B 130 8.61 15.17 -5.66
N LEU B 131 8.49 14.34 -6.69
CA LEU B 131 8.97 14.71 -8.02
C LEU B 131 8.01 15.65 -8.74
N GLU B 132 6.77 15.76 -8.26
CA GLU B 132 5.81 16.78 -8.72
C GLU B 132 5.49 16.64 -10.21
N ASN B 133 5.41 15.39 -10.68
CA ASN B 133 4.95 15.08 -12.02
C ASN B 133 3.76 14.12 -11.90
N ILE B 134 2.55 14.65 -12.11
CA ILE B 134 1.33 13.88 -11.91
C ILE B 134 1.13 12.81 -12.98
N GLU B 135 1.76 12.95 -14.14
CA GLU B 135 1.64 11.93 -15.17
C GLU B 135 2.40 10.67 -14.79
N VAL B 136 3.60 10.82 -14.21
CA VAL B 136 4.35 9.66 -13.74
C VAL B 136 3.62 9.01 -12.57
N ILE B 137 3.07 9.81 -11.65
CA ILE B 137 2.35 9.27 -10.51
C ILE B 137 1.14 8.48 -10.98
N LYS B 138 0.40 9.01 -11.96
CA LYS B 138 -0.73 8.28 -12.53
C LYS B 138 -0.28 6.96 -13.14
N LEU B 139 0.91 6.94 -13.74
CA LEU B 139 1.39 5.75 -14.42
C LEU B 139 1.92 4.71 -13.44
N ILE B 140 2.70 5.14 -12.45
CA ILE B 140 3.38 4.21 -11.57
C ILE B 140 2.39 3.52 -10.63
N SER B 141 1.52 4.32 -10.00
CA SER B 141 0.50 3.73 -9.12
C SER B 141 -0.38 2.76 -9.87
N GLN B 142 -0.61 3.01 -11.16
CA GLN B 142 -1.33 2.05 -12.00
C GLN B 142 -0.57 0.74 -12.10
N VAL B 143 0.76 0.80 -12.19
CA VAL B 143 1.57 -0.41 -12.29
C VAL B 143 1.41 -1.25 -11.02
N ILE B 144 1.51 -0.60 -9.85
CA ILE B 144 1.36 -1.31 -8.59
C ILE B 144 -0.04 -1.88 -8.45
N LYS B 145 -1.05 -1.12 -8.90
CA LYS B 145 -2.44 -1.55 -8.78
C LYS B 145 -2.67 -2.90 -9.45
N ASP B 146 -2.33 -2.98 -10.75
CA ASP B 146 -2.58 -4.21 -11.49
C ASP B 146 -1.63 -5.33 -11.11
N PHE B 147 -0.47 -5.00 -10.51
CA PHE B 147 0.37 -6.05 -9.94
C PHE B 147 -0.35 -6.73 -8.78
N ALA B 148 -0.93 -5.94 -7.88
CA ALA B 148 -1.63 -6.50 -6.73
C ALA B 148 -2.88 -7.26 -7.16
N SER B 149 -3.66 -6.68 -8.09
CA SER B 149 -4.90 -7.33 -8.53
C SER B 149 -4.62 -8.66 -9.21
N GLY B 150 -3.68 -8.66 -10.16
CA GLY B 150 -3.40 -9.89 -10.89
C GLY B 150 -2.82 -10.98 -10.02
N GLU B 151 -1.94 -10.61 -9.08
CA GLU B 151 -1.36 -11.62 -8.20
C GLU B 151 -2.38 -12.22 -7.26
N ILE B 152 -3.45 -11.47 -6.93
CA ILE B 152 -4.57 -12.06 -6.23
C ILE B 152 -5.27 -13.08 -7.10
N LYS B 153 -5.41 -12.78 -8.40
CA LYS B 153 -6.12 -13.63 -9.34
C LYS B 153 -5.31 -14.83 -9.81
N GLN B 154 -4.00 -14.87 -9.52
CA GLN B 154 -3.15 -15.93 -10.04
C GLN B 154 -3.54 -17.30 -9.51
N ALA B 155 -4.25 -17.37 -8.39
CA ALA B 155 -4.61 -18.67 -7.82
C ALA B 155 -5.53 -19.46 -8.74
N SER B 156 -6.43 -18.78 -9.43
CA SER B 156 -7.40 -19.47 -10.27
C SER B 156 -6.77 -20.02 -11.53
N THR B 157 -5.90 -19.23 -12.18
CA THR B 157 -5.36 -19.62 -13.47
C THR B 157 -4.46 -20.84 -13.41
N LEU B 158 -3.97 -21.20 -12.22
CA LEU B 158 -3.20 -22.43 -12.08
C LEU B 158 -4.11 -23.63 -12.32
N PHE B 159 -3.63 -24.58 -13.11
CA PHE B 159 -4.40 -25.76 -13.51
C PHE B 159 -5.63 -25.40 -14.36
N ASP B 160 -5.46 -24.46 -15.30
CA ASP B 160 -6.59 -24.04 -16.15
C ASP B 160 -6.17 -24.15 -17.61
N CYS B 161 -6.86 -25.02 -18.35
CA CYS B 161 -6.45 -25.30 -19.72
C CYS B 161 -6.82 -24.17 -20.70
N ASP B 162 -7.64 -23.21 -20.28
CA ASP B 162 -8.36 -22.34 -21.20
C ASP B 162 -7.78 -20.93 -21.29
N ILE B 163 -6.45 -20.81 -21.23
CA ILE B 163 -5.78 -19.53 -21.47
C ILE B 163 -5.26 -19.50 -22.89
N THR B 164 -5.33 -18.34 -23.53
CA THR B 164 -4.78 -18.15 -24.87
C THR B 164 -3.39 -17.52 -24.76
N LEU B 165 -2.75 -17.35 -25.91
CA LEU B 165 -1.42 -16.74 -25.92
C LEU B 165 -1.48 -15.26 -25.58
N ASP B 166 -2.61 -14.60 -25.86
CA ASP B 166 -2.77 -13.20 -25.49
C ASP B 166 -3.06 -13.05 -24.00
N ASP B 167 -3.81 -13.99 -23.42
CA ASP B 167 -4.07 -13.94 -21.99
C ASP B 167 -2.80 -14.18 -21.19
N TYR B 168 -1.84 -14.93 -21.75
CA TYR B 168 -0.57 -15.15 -21.09
C TYR B 168 0.32 -13.92 -21.16
N LEU B 169 0.26 -13.22 -22.29
CA LEU B 169 1.14 -12.06 -22.46
C LEU B 169 0.65 -10.93 -21.53
N LEU B 170 -0.64 -10.90 -21.23
CA LEU B 170 -1.22 -9.84 -20.38
C LEU B 170 -0.90 -10.09 -18.91
N LYS B 171 -0.93 -11.34 -18.49
CA LYS B 171 -0.56 -11.67 -17.09
C LYS B 171 0.94 -11.41 -16.95
N SER B 172 1.66 -11.65 -18.01
CA SER B 172 3.11 -11.40 -18.00
C SER B 172 3.39 -9.90 -18.14
N TYR B 173 2.40 -9.13 -18.56
CA TYR B 173 2.63 -7.68 -18.62
C TYR B 173 2.51 -7.17 -17.23
N TYR B 174 1.40 -7.50 -16.61
CA TYR B 174 1.16 -6.94 -15.26
C TYR B 174 2.22 -7.44 -14.31
N LYS B 175 2.69 -8.66 -14.49
CA LYS B 175 3.63 -9.22 -13.52
C LYS B 175 4.93 -8.43 -13.50
N THR B 176 5.53 -8.22 -14.68
CA THR B 176 6.81 -7.53 -14.75
C THR B 176 6.86 -6.47 -15.84
N ALA B 177 6.31 -6.73 -17.02
CA ALA B 177 6.55 -5.89 -18.18
C ALA B 177 6.00 -4.48 -18.00
N SER B 178 4.88 -4.33 -17.29
CA SER B 178 4.26 -3.02 -17.17
C SER B 178 5.12 -2.06 -16.37
N LEU B 179 5.82 -2.57 -15.35
CA LEU B 179 6.70 -1.70 -14.56
C LEU B 179 7.89 -1.23 -15.39
N ILE B 180 8.43 -2.10 -16.23
CA ILE B 180 9.58 -1.72 -17.05
C ILE B 180 9.17 -0.70 -18.10
N ALA B 181 7.98 -0.85 -18.69
CA ALA B 181 7.51 0.10 -19.69
C ALA B 181 7.26 1.47 -19.07
N ALA B 182 6.72 1.50 -17.86
CA ALA B 182 6.48 2.77 -17.19
C ALA B 182 7.80 3.46 -16.84
N SER B 183 8.81 2.68 -16.45
CA SER B 183 10.09 3.27 -16.08
C SER B 183 10.77 3.92 -17.28
N THR B 184 10.65 3.32 -18.46
CA THR B 184 11.31 3.87 -19.64
C THR B 184 10.56 5.04 -20.25
N ARG B 185 9.24 5.13 -20.03
CA ARG B 185 8.49 6.26 -20.54
C ARG B 185 8.58 7.45 -19.61
N SER B 186 8.58 7.21 -18.29
CA SER B 186 8.79 8.29 -17.33
C SER B 186 10.20 8.85 -17.43
N ALA B 187 11.18 8.01 -17.77
CA ALA B 187 12.51 8.52 -18.06
C ALA B 187 12.48 9.48 -19.24
N ALA B 188 11.71 9.15 -20.27
CA ALA B 188 11.57 10.05 -21.41
C ALA B 188 10.73 11.28 -21.05
N ILE B 189 9.77 11.13 -20.14
CA ILE B 189 8.94 12.27 -19.75
C ILE B 189 9.76 13.27 -18.94
N PHE B 190 10.68 12.79 -18.10
CA PHE B 190 11.52 13.69 -17.31
C PHE B 190 12.59 14.37 -18.15
N SER B 191 12.85 13.90 -19.36
CA SER B 191 13.70 14.63 -20.30
C SER B 191 12.91 15.65 -21.11
N GLY B 192 11.59 15.73 -20.91
CA GLY B 192 10.79 16.75 -21.55
C GLY B 192 10.71 16.66 -23.07
N VAL B 193 11.02 15.51 -23.64
CA VAL B 193 11.03 15.36 -25.09
C VAL B 193 9.60 15.10 -25.58
N SER B 194 9.45 14.85 -26.88
CA SER B 194 8.13 14.72 -27.50
C SER B 194 7.39 13.50 -26.95
N THR B 195 6.07 13.64 -26.86
CA THR B 195 5.24 12.56 -26.34
C THR B 195 5.23 11.33 -27.25
N ALA B 196 5.49 11.51 -28.54
CA ALA B 196 5.63 10.36 -29.43
C ALA B 196 6.89 9.57 -29.11
N ILE B 197 7.99 10.23 -28.80
CA ILE B 197 9.23 9.49 -28.41
C ILE B 197 9.01 8.83 -27.05
N CYS B 198 8.22 9.46 -26.20
CA CYS B 198 7.95 8.91 -24.85
C CYS B 198 7.08 7.67 -25.04
N GLU B 199 6.10 7.74 -25.93
CA GLU B 199 5.23 6.58 -26.19
C GLU B 199 6.05 5.48 -26.84
N GLN B 200 7.05 5.86 -27.62
CA GLN B 200 7.88 4.79 -28.19
C GLN B 200 8.72 4.21 -27.08
N MET B 201 8.94 4.97 -26.01
CA MET B 201 9.84 4.48 -24.94
C MET B 201 9.03 3.56 -24.04
N TYR B 202 7.73 3.75 -24.01
CA TYR B 202 6.87 2.81 -23.26
C TYR B 202 6.87 1.54 -24.01
N GLU B 203 7.00 1.65 -25.32
CA GLU B 203 6.93 0.44 -26.18
C GLU B 203 8.25 -0.32 -26.12
N TYR B 204 9.35 0.36 -25.86
CA TYR B 204 10.62 -0.39 -25.71
C TYR B 204 10.52 -1.28 -24.51
N GLY B 205 9.97 -0.75 -23.44
CA GLY B 205 10.00 -1.51 -22.18
C GLY B 205 8.99 -2.62 -22.13
N ARG B 206 7.76 -2.33 -22.50
CA ARG B 206 6.75 -3.39 -22.56
C ARG B 206 7.34 -4.61 -23.27
N ASN B 207 7.79 -4.43 -24.50
CA ASN B 207 8.24 -5.59 -25.29
C ASN B 207 9.38 -6.29 -24.58
N LEU B 208 10.47 -5.59 -24.29
CA LEU B 208 11.65 -6.19 -23.62
C LEU B 208 11.19 -6.87 -22.32
N GLY B 209 10.14 -6.35 -21.69
CA GLY B 209 9.62 -6.96 -20.49
C GLY B 209 8.95 -8.25 -20.82
N LEU B 210 8.03 -8.21 -21.77
CA LEU B 210 7.47 -9.49 -22.18
C LEU B 210 8.56 -10.44 -22.66
N SER B 211 9.43 -9.95 -23.56
CA SER B 211 10.53 -10.77 -24.05
C SER B 211 11.42 -11.27 -22.91
N PHE B 212 11.52 -10.51 -21.82
CA PHE B 212 12.27 -10.96 -20.66
C PHE B 212 11.48 -11.94 -19.81
N GLN B 213 10.15 -11.82 -19.78
CA GLN B 213 9.36 -12.70 -18.93
C GLN B 213 9.19 -14.07 -19.55
N VAL B 214 8.93 -14.13 -20.85
CA VAL B 214 8.71 -15.43 -21.50
C VAL B 214 10.02 -16.20 -21.63
N VAL B 215 11.15 -15.50 -21.69
CA VAL B 215 12.43 -16.22 -21.71
C VAL B 215 12.78 -16.73 -20.32
N ASP B 216 12.32 -16.03 -19.27
CA ASP B 216 12.45 -16.57 -17.92
C ASP B 216 11.52 -17.75 -17.71
N ASP B 217 10.31 -17.67 -18.27
CA ASP B 217 9.36 -18.78 -18.16
C ASP B 217 9.86 -20.01 -18.89
N ILE B 218 10.70 -19.82 -19.91
CA ILE B 218 11.30 -20.97 -20.60
C ILE B 218 12.38 -21.61 -19.75
N LEU B 219 13.24 -20.77 -19.15
CA LEU B 219 14.46 -21.27 -18.51
C LEU B 219 14.15 -22.24 -17.39
N ASP B 220 13.06 -22.02 -16.65
CA ASP B 220 12.75 -22.90 -15.54
C ASP B 220 12.32 -24.28 -16.03
N PHE B 221 11.32 -24.33 -16.91
CA PHE B 221 10.85 -25.60 -17.43
C PHE B 221 11.97 -26.38 -18.10
N THR B 222 12.85 -25.68 -18.81
CA THR B 222 14.01 -26.32 -19.43
C THR B 222 15.06 -26.64 -18.36
N SER B 234 9.38 -26.89 -10.00
CA SER B 234 9.03 -26.64 -11.39
C SER B 234 7.91 -25.62 -11.50
N ASP B 235 7.78 -24.99 -12.67
CA ASP B 235 6.74 -23.99 -12.87
C ASP B 235 5.40 -24.62 -13.27
N LEU B 236 5.41 -25.76 -13.97
CA LEU B 236 4.16 -26.49 -14.18
C LEU B 236 3.78 -27.35 -12.99
N ALA B 237 4.76 -27.75 -12.18
CA ALA B 237 4.46 -28.53 -10.98
C ALA B 237 3.48 -27.78 -10.08
N LYS B 238 3.60 -26.46 -10.02
CA LYS B 238 2.61 -25.65 -9.30
C LYS B 238 1.40 -25.34 -10.16
N GLY B 239 1.51 -25.44 -11.48
CA GLY B 239 0.40 -25.21 -12.38
C GLY B 239 0.55 -24.02 -13.30
N ASN B 240 1.67 -23.33 -13.27
CA ASN B 240 1.89 -22.16 -14.10
C ASN B 240 2.29 -22.63 -15.51
N LEU B 241 1.30 -22.77 -16.37
CA LEU B 241 1.49 -23.21 -17.74
C LEU B 241 1.80 -21.99 -18.60
N THR B 242 3.08 -21.80 -18.93
CA THR B 242 3.52 -20.62 -19.65
C THR B 242 3.35 -20.77 -21.15
N ALA B 243 4.16 -20.04 -21.92
CA ALA B 243 4.03 -20.04 -23.38
C ALA B 243 4.48 -21.37 -23.99
N PRO B 244 5.58 -21.98 -23.52
CA PRO B 244 5.87 -23.36 -23.93
C PRO B 244 4.68 -24.31 -23.80
N VAL B 245 4.01 -24.28 -22.68
CA VAL B 245 2.91 -25.26 -22.45
C VAL B 245 1.68 -24.87 -23.26
N ILE B 246 1.58 -23.63 -23.73
CA ILE B 246 0.34 -23.29 -24.45
C ILE B 246 0.61 -23.54 -25.93
N PHE B 247 1.86 -23.42 -26.33
CA PHE B 247 2.22 -23.80 -27.71
C PHE B 247 2.08 -25.28 -27.76
N ALA B 248 2.00 -25.92 -26.58
CA ALA B 248 1.68 -27.35 -26.50
C ALA B 248 0.19 -27.33 -26.19
N LEU B 249 -0.36 -28.34 -25.51
CA LEU B 249 -1.80 -28.36 -25.12
C LEU B 249 -2.61 -28.01 -26.36
N GLN B 250 -1.97 -27.92 -27.52
CA GLN B 250 -2.64 -27.60 -28.78
C GLN B 250 -2.25 -28.76 -29.63
N ASP B 251 -0.98 -28.80 -29.99
CA ASP B 251 -0.48 -30.00 -30.73
C ASP B 251 -0.62 -31.17 -29.76
N GLU B 252 0.28 -31.32 -28.79
CA GLU B 252 0.08 -32.40 -27.79
C GLU B 252 -1.42 -32.60 -27.64
N PRO B 253 -2.06 -33.64 -28.23
CA PRO B 253 -3.55 -33.77 -28.21
C PRO B 253 -4.07 -33.65 -26.80
N GLN B 254 -3.53 -34.47 -25.90
CA GLN B 254 -4.02 -34.46 -24.50
C GLN B 254 -3.27 -33.37 -23.72
N LEU B 255 -2.31 -33.73 -22.88
CA LEU B 255 -1.54 -32.79 -22.05
C LEU B 255 -2.44 -32.28 -20.94
N ARG B 256 -3.58 -31.75 -21.32
CA ARG B 256 -4.53 -31.21 -20.32
C ARG B 256 -4.76 -32.35 -19.35
N GLU B 257 -4.88 -33.54 -19.91
CA GLU B 257 -5.03 -34.74 -19.07
C GLU B 257 -4.11 -34.68 -17.86
N ILE B 258 -2.83 -34.78 -18.11
CA ILE B 258 -1.91 -34.85 -16.95
C ILE B 258 -2.18 -33.65 -16.05
N ILE B 259 -2.20 -32.46 -16.63
CA ILE B 259 -2.34 -31.34 -15.70
C ILE B 259 -3.73 -31.29 -15.07
N ASP B 260 -4.70 -32.03 -15.60
CA ASP B 260 -6.03 -32.08 -15.00
C ASP B 260 -5.98 -32.53 -13.54
N SER B 261 -4.96 -33.26 -13.15
CA SER B 261 -4.78 -33.66 -11.75
C SER B 261 -3.63 -32.90 -11.10
N PHE B 263 -2.95 -35.60 -7.86
CA PHE B 263 -2.16 -36.78 -8.18
C PHE B 263 -2.86 -37.66 -9.21
N SER B 264 -2.11 -38.10 -10.22
CA SER B 264 -2.59 -39.07 -11.19
C SER B 264 -1.50 -40.09 -11.47
N GLU B 265 -1.22 -40.34 -12.75
CA GLU B 265 -0.15 -41.27 -13.11
C GLU B 265 1.20 -40.85 -12.52
N THR B 266 1.20 -39.61 -12.02
CA THR B 266 2.40 -39.08 -11.32
C THR B 266 3.58 -39.16 -12.25
N ASN B 267 3.57 -40.12 -13.14
CA ASN B 267 4.66 -40.15 -14.13
C ASN B 267 4.15 -39.28 -15.27
N SER B 268 4.88 -39.18 -16.37
CA SER B 268 4.51 -38.29 -17.48
C SER B 268 4.52 -36.85 -16.94
N LEU B 269 4.89 -36.69 -15.66
CA LEU B 269 4.97 -35.35 -15.02
C LEU B 269 6.28 -34.80 -15.51
N ALA B 270 6.92 -35.54 -16.40
CA ALA B 270 8.09 -34.98 -17.07
C ALA B 270 7.60 -33.80 -17.89
N THR B 271 6.48 -33.99 -18.59
CA THR B 271 5.88 -32.94 -19.44
C THR B 271 4.52 -33.44 -19.81
N GLU B 274 6.37 -34.80 -23.40
CA GLU B 274 5.56 -34.11 -24.38
C GLU B 274 6.30 -32.91 -24.96
N LEU B 275 6.38 -31.84 -24.17
CA LEU B 275 7.09 -30.62 -24.54
C LEU B 275 6.56 -30.01 -25.84
N GLY B 281 6.73 -26.02 -30.19
CA GLY B 281 6.52 -25.49 -28.85
C GLY B 281 7.58 -24.49 -28.44
N ILE B 282 8.74 -25.02 -28.03
CA ILE B 282 9.87 -24.15 -27.71
C ILE B 282 10.31 -23.38 -28.95
N LYS B 283 10.10 -23.95 -30.14
CA LYS B 283 10.30 -23.20 -31.38
C LYS B 283 9.43 -21.95 -31.39
N ARG B 284 8.18 -22.07 -30.96
CA ARG B 284 7.27 -20.93 -30.83
C ARG B 284 7.40 -20.23 -29.49
N ALA B 285 8.46 -20.53 -28.73
CA ALA B 285 8.74 -19.83 -27.48
C ALA B 285 10.01 -19.01 -27.52
N HIS B 286 11.02 -19.43 -28.28
CA HIS B 286 12.19 -18.63 -28.56
C HIS B 286 11.98 -17.71 -29.76
N GLU B 287 10.92 -17.93 -30.54
CA GLU B 287 10.52 -17.00 -31.59
C GLU B 287 9.53 -15.97 -31.08
N LEU B 288 8.69 -16.34 -30.10
CA LEU B 288 7.79 -15.37 -29.47
C LEU B 288 8.58 -14.24 -28.82
N ALA B 289 9.68 -14.58 -28.15
CA ALA B 289 10.54 -13.56 -27.54
C ALA B 289 11.35 -12.82 -28.60
N ARG B 290 11.82 -13.54 -29.63
CA ARG B 290 12.54 -12.89 -30.72
C ARG B 290 11.67 -11.87 -31.43
N GLU B 291 10.36 -12.13 -31.52
CA GLU B 291 9.46 -11.19 -32.18
C GLU B 291 9.21 -9.96 -31.31
N LYS B 292 8.98 -10.15 -30.01
CA LYS B 292 8.82 -9.02 -29.11
C LYS B 292 10.12 -8.21 -29.02
N GLY B 293 11.26 -8.88 -29.06
CA GLY B 293 12.52 -8.19 -28.95
C GLY B 293 12.81 -7.26 -30.11
N GLU B 294 12.41 -7.68 -31.33
CA GLU B 294 12.60 -6.83 -32.50
C GLU B 294 11.55 -5.73 -32.60
N ILE B 295 10.46 -5.82 -31.83
CA ILE B 295 9.56 -4.68 -31.70
C ILE B 295 10.17 -3.65 -30.76
N ALA B 296 10.88 -4.10 -29.72
CA ALA B 296 11.57 -3.17 -28.84
C ALA B 296 12.71 -2.48 -29.56
N ILE B 297 13.48 -3.23 -30.36
CA ILE B 297 14.55 -2.62 -31.14
C ILE B 297 14.00 -1.59 -32.11
N GLN B 298 12.85 -1.87 -32.72
CA GLN B 298 12.25 -0.94 -33.66
C GLN B 298 11.86 0.37 -32.98
N SER B 299 11.49 0.32 -31.70
CA SER B 299 11.13 1.53 -30.99
C SER B 299 12.33 2.44 -30.74
N LEU B 300 13.55 1.88 -30.75
CA LEU B 300 14.75 2.66 -30.51
C LEU B 300 15.17 3.48 -31.72
N GLN B 301 14.51 3.30 -32.87
CA GLN B 301 14.93 3.95 -34.09
C GLN B 301 14.43 5.40 -34.20
N CYS B 302 13.65 5.87 -33.23
CA CYS B 302 13.36 7.30 -33.14
C CYS B 302 14.49 8.05 -32.44
N LEU B 303 15.37 7.35 -31.73
CA LEU B 303 16.52 7.96 -31.09
C LEU B 303 17.68 8.05 -32.09
N PRO B 304 18.44 9.15 -32.06
CA PRO B 304 19.62 9.25 -32.92
C PRO B 304 20.69 8.26 -32.49
N ARG B 305 21.67 8.07 -33.38
CA ARG B 305 22.77 7.15 -33.10
C ARG B 305 23.56 7.61 -31.89
N SER B 306 23.57 6.77 -30.84
CA SER B 306 24.24 7.11 -29.61
C SER B 306 24.68 5.83 -28.91
N GLU B 307 25.70 5.97 -28.05
CA GLU B 307 26.21 4.82 -27.30
C GLU B 307 25.17 4.26 -26.34
N PHE B 308 24.15 5.04 -25.98
CA PHE B 308 23.07 4.55 -25.14
C PHE B 308 22.00 3.84 -25.95
N ARG B 309 21.70 4.33 -27.15
CA ARG B 309 20.72 3.65 -28.01
C ARG B 309 21.25 2.31 -28.50
N SER B 310 22.57 2.17 -28.64
CA SER B 310 23.14 0.91 -29.07
C SER B 310 23.29 -0.06 -27.90
N THR B 311 23.58 0.45 -26.70
CA THR B 311 23.58 -0.41 -25.52
C THR B 311 22.17 -0.93 -25.24
N LEU B 312 21.16 -0.08 -25.42
CA LEU B 312 19.78 -0.53 -25.29
C LEU B 312 19.43 -1.55 -26.36
N GLU B 313 19.97 -1.37 -27.57
CA GLU B 313 19.78 -2.37 -28.62
C GLU B 313 20.46 -3.69 -28.26
N ASN B 314 21.60 -3.63 -27.58
CA ASN B 314 22.27 -4.84 -27.14
C ASN B 314 21.60 -5.48 -25.94
N MET B 315 20.72 -4.75 -25.24
CA MET B 315 19.98 -5.33 -24.14
C MET B 315 19.04 -6.43 -24.62
N VAL B 316 18.34 -6.19 -25.72
CA VAL B 316 17.47 -7.22 -26.29
C VAL B 316 18.29 -8.39 -26.80
N LYS B 317 19.40 -8.11 -27.47
CA LYS B 317 20.25 -9.18 -27.99
C LYS B 317 20.82 -10.04 -26.87
N TYR B 318 21.24 -9.41 -25.77
CA TYR B 318 21.82 -10.16 -24.66
C TYR B 318 20.78 -11.01 -23.95
N ASN B 319 19.51 -10.63 -24.00
CA ASN B 319 18.47 -11.45 -23.39
C ASN B 319 18.27 -12.74 -24.16
N LEU B 320 18.33 -12.69 -25.49
CA LEU B 320 18.18 -13.89 -26.30
C LEU B 320 19.47 -14.70 -26.38
N GLU B 321 20.61 -14.10 -26.03
CA GLU B 321 21.89 -14.81 -26.09
C GLU B 321 21.94 -15.98 -25.13
N ARG B 322 21.12 -15.96 -24.07
CA ARG B 322 21.03 -17.10 -23.17
C ARG B 322 20.42 -18.32 -23.82
N ILE B 323 19.78 -18.16 -24.98
CA ILE B 323 19.16 -19.23 -25.78
C ILE B 323 18.60 -20.38 -24.95
C1 IPE C . -10.39 1.87 14.51
O1 IPE C . -11.40 2.74 14.93
C2 IPE C . -9.39 2.65 13.67
C3 IPE C . -8.20 3.21 14.44
C4 IPE C . -7.49 4.31 13.66
C5 IPE C . -8.59 3.68 15.85
PA IPE C . -12.58 3.17 13.88
O1A IPE C . -13.88 3.34 14.62
O2A IPE C . -12.21 4.46 13.20
O3A IPE C . -12.76 1.98 12.74
PB IPE C . -14.11 1.79 11.83
O1B IPE C . -13.99 2.57 10.56
O2B IPE C . -15.31 2.27 12.62
O3B IPE C . -14.29 0.32 11.50
O17 ZOL D . -6.78 -2.83 15.72
P14 ZOL D . -7.35 -1.52 16.16
O16 ZOL D . -8.56 -1.15 15.42
O15 ZOL D . -7.72 -1.56 17.60
C8 ZOL D . -6.18 -0.14 15.85
P9 ZOL D . -4.64 -0.54 16.78
O10 ZOL D . -5.04 -0.84 18.19
O11 ZOL D . -3.82 -1.64 16.20
O12 ZOL D . -3.80 0.66 16.83
O13 ZOL D . -6.75 1.04 16.34
C7 ZOL D . -6.04 0.01 14.33
N15 ZOL D . -5.05 0.96 13.90
C16 ZOL D . -5.02 2.24 14.18
N17 ZOL D . -3.97 2.79 13.60
C18 ZOL D . -3.32 1.86 12.96
C19 ZOL D . -4.02 0.68 13.14
MG MG E . -6.63 -0.55 19.12
MG MG F . -2.10 -2.57 15.97
MG MG G . -4.88 -3.69 16.04
#